data_4A4P
#
_entry.id   4A4P
#
_cell.length_a   47.090
_cell.length_b   80.280
_cell.length_c   51.900
_cell.angle_alpha   90.00
_cell.angle_beta   90.17
_cell.angle_gamma   90.00
#
_symmetry.space_group_name_H-M   'P 1 21 1'
#
loop_
_entity.id
_entity.type
_entity.pdbx_description
1 polymer CYTOHESIN1
2 non-polymer GLYCEROL
3 water water
#
_entity_poly.entity_id   1
_entity_poly.type   'polypeptide(L)'
_entity_poly.pdbx_seq_one_letter_code
;HHHHHHNKQVAMGRKKFNMDPKKGIQFLIENDLLKNTCEDIAQFLYKGEGLNKTAIGDYLGERDEFNIQVLHAFVELHEF
TDLNLVQALRQFLWSFRLPGEAQKIDRMMEAFAQRYCQCNNGVFQSTDTCYVLSFAIIMLNTSLHNPNVKDKPTVERFIA
MNRGINDGGDLPEELLRNLYESIKNEPFKIPE
;
_entity_poly.pdbx_strand_id   A,B
#
loop_
_chem_comp.id
_chem_comp.type
_chem_comp.name
_chem_comp.formula
GOL non-polymer GLYCEROL 'C3 H8 O3'
#
# COMPACT_ATOMS: atom_id res chain seq x y z
N ASN A 7 7.28 -12.85 -28.02
CA ASN A 7 7.45 -11.66 -27.18
C ASN A 7 6.49 -10.53 -27.55
N LYS A 8 6.35 -10.24 -28.84
CA LYS A 8 5.34 -9.24 -29.21
C LYS A 8 3.98 -9.92 -29.28
N GLN A 9 3.99 -11.27 -29.38
CA GLN A 9 2.81 -12.10 -29.28
C GLN A 9 2.33 -12.05 -27.81
N VAL A 10 3.27 -12.12 -26.83
CA VAL A 10 2.91 -12.02 -25.40
C VAL A 10 2.38 -10.63 -25.03
N ALA A 11 2.95 -9.55 -25.63
CA ALA A 11 2.49 -8.16 -25.45
C ALA A 11 1.07 -7.97 -26.05
N MET A 12 0.75 -8.70 -27.13
CA MET A 12 -0.53 -8.71 -27.84
C MET A 12 -1.59 -9.40 -26.94
N GLY A 13 -1.19 -10.52 -26.35
CA GLY A 13 -2.00 -11.32 -25.43
C GLY A 13 -2.35 -10.54 -24.18
N ARG A 14 -1.36 -9.82 -23.61
CA ARG A 14 -1.52 -8.95 -22.42
C ARG A 14 -2.53 -7.85 -22.68
N LYS A 15 -2.40 -7.15 -23.83
CA LYS A 15 -3.35 -6.13 -24.28
C LYS A 15 -4.75 -6.77 -24.45
N LYS A 16 -4.83 -7.97 -25.07
CA LYS A 16 -6.10 -8.67 -25.28
C LYS A 16 -6.76 -9.05 -23.95
N PHE A 17 -5.96 -9.50 -22.97
CA PHE A 17 -6.42 -9.88 -21.62
C PHE A 17 -6.96 -8.65 -20.89
N ASN A 18 -6.25 -7.51 -20.99
CA ASN A 18 -6.66 -6.28 -20.33
C ASN A 18 -8.03 -5.77 -20.78
N MET A 19 -8.39 -6.01 -22.06
CA MET A 19 -9.70 -5.61 -22.61
C MET A 19 -10.76 -6.66 -22.34
N ASP A 20 -10.38 -7.96 -22.45
CA ASP A 20 -11.28 -9.08 -22.23
C ASP A 20 -10.46 -10.25 -21.67
N PRO A 21 -10.51 -10.49 -20.32
CA PRO A 21 -9.70 -11.58 -19.73
C PRO A 21 -9.88 -12.96 -20.35
N LYS A 22 -11.12 -13.40 -20.62
CA LYS A 22 -11.42 -14.69 -21.24
C LYS A 22 -10.73 -14.78 -22.61
N LYS A 23 -10.85 -13.71 -23.44
CA LYS A 23 -10.25 -13.63 -24.76
C LYS A 23 -8.73 -13.65 -24.71
N GLY A 24 -8.15 -12.91 -23.78
CA GLY A 24 -6.70 -12.85 -23.63
C GLY A 24 -6.09 -14.19 -23.25
N ILE A 25 -6.72 -14.91 -22.29
CA ILE A 25 -6.26 -16.23 -21.87
C ILE A 25 -6.42 -17.24 -23.02
N GLN A 26 -7.57 -17.18 -23.75
CA GLN A 26 -7.86 -18.01 -24.93
C GLN A 26 -6.74 -17.82 -25.96
N PHE A 27 -6.34 -16.55 -26.19
CA PHE A 27 -5.25 -16.17 -27.10
C PHE A 27 -3.91 -16.75 -26.64
N LEU A 28 -3.52 -16.47 -25.38
CA LEU A 28 -2.25 -16.98 -24.83
C LEU A 28 -2.14 -18.51 -24.84
N ILE A 29 -3.27 -19.25 -24.60
CA ILE A 29 -3.29 -20.72 -24.64
C ILE A 29 -3.14 -21.21 -26.08
N GLU A 30 -4.02 -20.72 -27.01
CA GLU A 30 -4.05 -21.09 -28.44
C GLU A 30 -2.71 -20.94 -29.14
N ASN A 31 -1.94 -19.89 -28.78
CA ASN A 31 -0.64 -19.62 -29.38
C ASN A 31 0.52 -20.22 -28.57
N ASP A 32 0.21 -21.20 -27.68
CA ASP A 32 1.18 -21.91 -26.84
C ASP A 32 2.06 -20.98 -25.97
N LEU A 33 1.54 -19.79 -25.58
CA LEU A 33 2.26 -18.80 -24.77
C LEU A 33 2.00 -18.94 -23.29
N LEU A 34 0.98 -19.74 -22.91
CA LEU A 34 0.60 -19.98 -21.53
C LEU A 34 0.01 -21.38 -21.46
N LYS A 35 0.53 -22.23 -20.55
CA LYS A 35 0.01 -23.59 -20.38
C LYS A 35 -1.41 -23.51 -19.77
N ASN A 36 -2.35 -24.35 -20.27
CA ASN A 36 -3.75 -24.34 -19.80
C ASN A 36 -4.02 -25.18 -18.56
N THR A 37 -3.52 -24.72 -17.40
CA THR A 37 -3.78 -25.33 -16.09
C THR A 37 -4.19 -24.19 -15.17
N CYS A 38 -4.96 -24.48 -14.08
CA CYS A 38 -5.32 -23.43 -13.13
C CYS A 38 -4.07 -22.86 -12.42
N GLU A 39 -3.02 -23.68 -12.21
CA GLU A 39 -1.79 -23.27 -11.53
C GLU A 39 -0.96 -22.28 -12.34
N ASP A 40 -0.80 -22.53 -13.64
CA ASP A 40 -0.06 -21.66 -14.54
C ASP A 40 -0.82 -20.35 -14.74
N ILE A 41 -2.17 -20.42 -14.88
CA ILE A 41 -3.01 -19.23 -15.04
C ILE A 41 -3.00 -18.39 -13.76
N ALA A 42 -3.04 -19.05 -12.60
CA ALA A 42 -2.97 -18.36 -11.31
C ALA A 42 -1.61 -17.66 -11.17
N GLN A 43 -0.50 -18.31 -11.58
CA GLN A 43 0.82 -17.67 -11.51
C GLN A 43 0.91 -16.42 -12.42
N PHE A 44 0.42 -16.53 -13.67
CA PHE A 44 0.39 -15.46 -14.66
C PHE A 44 -0.37 -14.24 -14.06
N LEU A 45 -1.49 -14.50 -13.40
CA LEU A 45 -2.31 -13.48 -12.74
C LEU A 45 -1.61 -12.89 -11.53
N TYR A 46 -1.02 -13.74 -10.70
CA TYR A 46 -0.30 -13.35 -9.48
C TYR A 46 0.89 -12.46 -9.80
N LYS A 47 1.70 -12.86 -10.80
CA LYS A 47 2.82 -12.03 -11.25
C LYS A 47 2.28 -10.71 -11.87
N GLY A 48 1.18 -10.82 -12.61
CA GLY A 48 0.45 -9.70 -13.23
C GLY A 48 1.24 -8.72 -14.09
N GLU A 49 2.30 -9.20 -14.75
CA GLU A 49 3.18 -8.38 -15.57
C GLU A 49 2.46 -7.79 -16.78
N GLY A 50 2.30 -6.47 -16.75
CA GLY A 50 1.59 -5.73 -17.80
C GLY A 50 0.11 -6.02 -17.80
N LEU A 51 -0.42 -6.49 -16.67
CA LEU A 51 -1.82 -6.85 -16.56
C LEU A 51 -2.59 -5.84 -15.75
N ASN A 52 -3.82 -5.59 -16.18
CA ASN A 52 -4.72 -4.65 -15.53
C ASN A 52 -5.43 -5.40 -14.38
N LYS A 53 -5.40 -4.82 -13.17
CA LYS A 53 -5.99 -5.42 -11.96
C LYS A 53 -7.49 -5.57 -11.99
N THR A 54 -8.23 -4.74 -12.80
CA THR A 54 -9.67 -4.91 -12.94
C THR A 54 -9.91 -6.19 -13.76
N ALA A 55 -9.15 -6.40 -14.87
CA ALA A 55 -9.26 -7.60 -15.70
C ALA A 55 -8.90 -8.85 -14.83
N ILE A 56 -7.84 -8.77 -14.01
CA ILE A 56 -7.46 -9.88 -13.10
C ILE A 56 -8.68 -10.21 -12.22
N GLY A 57 -9.23 -9.20 -11.52
CA GLY A 57 -10.38 -9.37 -10.64
C GLY A 57 -11.62 -9.91 -11.33
N ASP A 58 -11.88 -9.44 -12.56
CA ASP A 58 -13.02 -9.89 -13.34
C ASP A 58 -12.89 -11.38 -13.68
N TYR A 59 -11.68 -11.80 -14.07
CA TYR A 59 -11.41 -13.21 -14.38
C TYR A 59 -11.57 -14.06 -13.11
N LEU A 60 -10.94 -13.64 -12.01
CA LEU A 60 -10.98 -14.39 -10.74
C LEU A 60 -12.40 -14.48 -10.13
N GLY A 61 -13.27 -13.54 -10.49
CA GLY A 61 -14.64 -13.46 -9.98
C GLY A 61 -15.69 -14.25 -10.74
N GLU A 62 -15.34 -14.82 -11.91
CA GLU A 62 -16.26 -15.61 -12.72
C GLU A 62 -16.67 -16.88 -11.99
N ARG A 63 -17.94 -17.25 -12.11
CA ARG A 63 -18.50 -18.39 -11.42
C ARG A 63 -18.20 -19.73 -12.10
N ASP A 64 -17.64 -19.72 -13.33
CA ASP A 64 -17.28 -20.97 -14.00
C ASP A 64 -16.41 -21.78 -13.05
N GLU A 65 -16.63 -23.09 -12.98
CA GLU A 65 -15.84 -23.97 -12.09
C GLU A 65 -14.32 -23.83 -12.29
N PHE A 66 -13.88 -23.59 -13.52
CA PHE A 66 -12.44 -23.48 -13.76
C PHE A 66 -11.85 -22.15 -13.23
N ASN A 67 -12.53 -21.01 -13.45
CA ASN A 67 -12.08 -19.71 -12.89
C ASN A 67 -12.01 -19.80 -11.38
N ILE A 68 -12.92 -20.55 -10.76
CA ILE A 68 -12.94 -20.78 -9.31
C ILE A 68 -11.68 -21.57 -8.90
N GLN A 69 -11.30 -22.57 -9.70
CA GLN A 69 -10.07 -23.32 -9.47
C GLN A 69 -8.87 -22.38 -9.55
N VAL A 70 -8.86 -21.47 -10.55
CA VAL A 70 -7.79 -20.47 -10.70
C VAL A 70 -7.78 -19.56 -9.45
N LEU A 71 -8.98 -19.10 -9.02
CA LEU A 71 -9.12 -18.27 -7.82
C LEU A 71 -8.43 -18.89 -6.61
N HIS A 72 -8.74 -20.16 -6.32
CA HIS A 72 -8.14 -20.86 -5.18
C HIS A 72 -6.63 -21.01 -5.37
N ALA A 73 -6.17 -21.32 -6.60
CA ALA A 73 -4.74 -21.47 -6.87
C ALA A 73 -4.04 -20.10 -6.73
N PHE A 74 -4.75 -18.99 -7.07
CA PHE A 74 -4.24 -17.62 -6.95
C PHE A 74 -4.06 -17.28 -5.47
N VAL A 75 -5.09 -17.57 -4.66
CA VAL A 75 -5.03 -17.35 -3.22
C VAL A 75 -3.88 -18.18 -2.59
N GLU A 76 -3.60 -19.40 -3.09
CA GLU A 76 -2.50 -20.25 -2.58
C GLU A 76 -1.11 -19.62 -2.76
N LEU A 77 -0.96 -18.79 -3.81
CA LEU A 77 0.29 -18.09 -4.11
C LEU A 77 0.56 -16.95 -3.14
N HIS A 78 -0.52 -16.45 -2.48
CA HIS A 78 -0.37 -15.39 -1.51
C HIS A 78 0.19 -15.96 -0.22
N GLU A 79 1.15 -15.26 0.37
CA GLU A 79 1.83 -15.66 1.58
C GLU A 79 1.42 -14.72 2.71
N PHE A 80 0.63 -15.21 3.69
CA PHE A 80 0.14 -14.35 4.79
C PHE A 80 0.73 -14.66 6.18
N THR A 81 1.81 -15.47 6.25
CA THR A 81 2.41 -15.91 7.52
C THR A 81 2.92 -14.79 8.39
N ASP A 82 2.48 -14.76 9.67
CA ASP A 82 2.87 -13.73 10.66
C ASP A 82 2.37 -12.32 10.31
N LEU A 83 1.38 -12.22 9.43
CA LEU A 83 0.73 -10.95 9.09
C LEU A 83 -0.55 -10.91 9.88
N ASN A 84 -0.92 -9.72 10.39
CA ASN A 84 -2.22 -9.57 11.03
C ASN A 84 -3.27 -9.51 9.88
N LEU A 85 -4.55 -9.57 10.20
CA LEU A 85 -5.60 -9.64 9.19
C LEU A 85 -5.67 -8.46 8.24
N VAL A 86 -5.50 -7.24 8.76
CA VAL A 86 -5.48 -6.03 7.94
C VAL A 86 -4.28 -6.06 6.98
N GLN A 87 -3.09 -6.38 7.47
CA GLN A 87 -1.88 -6.45 6.62
C GLN A 87 -2.08 -7.43 5.47
N ALA A 88 -2.62 -8.63 5.77
CA ALA A 88 -2.93 -9.67 4.80
C ALA A 88 -4.00 -9.17 3.82
N LEU A 89 -5.03 -8.45 4.32
CA LEU A 89 -6.07 -7.92 3.45
C LEU A 89 -5.49 -6.91 2.50
N ARG A 90 -4.61 -6.00 2.99
CA ARG A 90 -3.97 -5.00 2.14
C ARG A 90 -3.24 -5.67 0.96
N GLN A 91 -2.42 -6.68 1.25
CA GLN A 91 -1.68 -7.41 0.22
C GLN A 91 -2.62 -8.07 -0.78
N PHE A 92 -3.65 -8.77 -0.26
CA PHE A 92 -4.60 -9.46 -1.11
C PHE A 92 -5.39 -8.47 -2.00
N LEU A 93 -5.90 -7.37 -1.41
CA LEU A 93 -6.70 -6.38 -2.12
C LEU A 93 -5.91 -5.50 -3.10
N TRP A 94 -4.59 -5.51 -2.98
CA TRP A 94 -3.70 -4.81 -3.89
C TRP A 94 -3.42 -5.64 -5.15
N SER A 95 -3.45 -6.99 -5.05
CA SER A 95 -3.14 -7.93 -6.14
C SER A 95 -4.18 -8.01 -7.29
N PHE A 96 -5.37 -7.49 -7.06
CA PHE A 96 -6.44 -7.47 -8.06
C PHE A 96 -7.47 -6.49 -7.59
N ARG A 97 -8.36 -6.03 -8.49
CA ARG A 97 -9.47 -5.17 -8.09
C ARG A 97 -10.67 -6.05 -7.80
N LEU A 98 -11.23 -5.93 -6.59
CA LEU A 98 -12.44 -6.66 -6.20
C LEU A 98 -13.56 -6.38 -7.20
N PRO A 99 -14.25 -7.40 -7.74
CA PRO A 99 -15.39 -7.13 -8.62
C PRO A 99 -16.52 -6.48 -7.81
N GLY A 100 -17.50 -5.91 -8.49
CA GLY A 100 -18.60 -5.21 -7.84
C GLY A 100 -19.60 -6.06 -7.09
N GLU A 101 -19.92 -7.23 -7.66
CA GLU A 101 -20.94 -8.17 -7.18
C GLU A 101 -20.65 -8.73 -5.78
N ALA A 102 -21.63 -8.61 -4.89
CA ALA A 102 -21.61 -9.14 -3.54
C ALA A 102 -21.27 -10.64 -3.52
N GLN A 103 -21.93 -11.46 -4.36
CA GLN A 103 -21.67 -12.91 -4.39
C GLN A 103 -20.24 -13.29 -4.80
N LYS A 104 -19.62 -12.50 -5.70
CA LYS A 104 -18.22 -12.71 -6.18
C LYS A 104 -17.27 -12.32 -5.09
N ILE A 105 -17.54 -11.18 -4.43
CA ILE A 105 -16.71 -10.73 -3.30
C ILE A 105 -16.76 -11.79 -2.20
N ASP A 106 -17.95 -12.35 -1.90
CA ASP A 106 -18.06 -13.38 -0.84
C ASP A 106 -17.21 -14.60 -1.15
N ARG A 107 -17.30 -15.10 -2.41
CA ARG A 107 -16.50 -16.25 -2.84
C ARG A 107 -14.99 -15.95 -2.69
N MET A 108 -14.54 -14.78 -3.12
CA MET A 108 -13.12 -14.40 -3.04
C MET A 108 -12.67 -14.24 -1.61
N MET A 109 -13.53 -13.70 -0.77
CA MET A 109 -13.24 -13.54 0.65
C MET A 109 -13.18 -14.90 1.40
N GLU A 110 -13.99 -15.87 0.96
CA GLU A 110 -13.97 -17.22 1.52
C GLU A 110 -12.59 -17.86 1.27
N ALA A 111 -12.07 -17.70 0.02
CA ALA A 111 -10.78 -18.25 -0.37
C ALA A 111 -9.67 -17.54 0.43
N PHE A 112 -9.80 -16.21 0.59
CA PHE A 112 -8.85 -15.43 1.38
C PHE A 112 -8.84 -15.93 2.82
N ALA A 113 -10.04 -16.03 3.46
CA ALA A 113 -10.12 -16.42 4.89
C ALA A 113 -9.48 -17.77 5.17
N GLN A 114 -9.74 -18.76 4.31
CA GLN A 114 -9.16 -20.11 4.40
C GLN A 114 -7.63 -20.01 4.34
N ARG A 115 -7.10 -19.23 3.39
CA ARG A 115 -5.65 -19.08 3.23
C ARG A 115 -5.04 -18.28 4.37
N TYR A 116 -5.74 -17.24 4.87
CA TYR A 116 -5.21 -16.48 6.02
C TYR A 116 -5.00 -17.44 7.21
N CYS A 117 -6.02 -18.25 7.53
CA CYS A 117 -5.98 -19.19 8.66
C CYS A 117 -4.95 -20.31 8.50
N GLN A 118 -4.74 -20.78 7.26
CA GLN A 118 -3.73 -21.78 6.90
C GLN A 118 -2.34 -21.27 7.28
N CYS A 119 -2.07 -19.95 7.04
CA CYS A 119 -0.82 -19.24 7.30
C CYS A 119 -0.67 -18.79 8.77
N ASN A 120 -1.80 -18.64 9.50
CA ASN A 120 -1.79 -18.10 10.86
C ASN A 120 -2.74 -18.91 11.73
N ASN A 121 -2.46 -20.21 11.91
CA ASN A 121 -3.38 -20.98 12.74
C ASN A 121 -3.20 -20.62 14.20
N GLY A 122 -4.30 -20.53 14.92
CA GLY A 122 -4.25 -20.12 16.31
C GLY A 122 -4.79 -18.72 16.52
N VAL A 123 -4.81 -17.87 15.46
CA VAL A 123 -5.33 -16.49 15.56
C VAL A 123 -6.86 -16.57 15.66
N PHE A 124 -7.48 -17.35 14.78
CA PHE A 124 -8.93 -17.52 14.74
C PHE A 124 -9.33 -18.95 14.98
N GLN A 125 -10.34 -19.17 15.84
CA GLN A 125 -10.83 -20.51 16.17
C GLN A 125 -11.41 -21.21 14.94
N SER A 126 -11.87 -20.44 13.93
CA SER A 126 -12.42 -21.02 12.72
C SER A 126 -12.21 -20.07 11.56
N THR A 127 -12.28 -20.60 10.35
CA THR A 127 -12.14 -19.78 9.14
C THR A 127 -13.34 -18.83 9.05
N ASP A 128 -14.50 -19.24 9.61
CA ASP A 128 -15.71 -18.38 9.58
C ASP A 128 -15.56 -17.09 10.41
N THR A 129 -14.80 -17.17 11.52
CA THR A 129 -14.53 -15.98 12.33
C THR A 129 -13.68 -15.01 11.49
N CYS A 130 -12.67 -15.55 10.79
CA CYS A 130 -11.77 -14.77 9.93
C CYS A 130 -12.57 -14.09 8.80
N TYR A 131 -13.48 -14.83 8.21
CA TYR A 131 -14.35 -14.39 7.10
C TYR A 131 -15.23 -13.21 7.56
N VAL A 132 -15.94 -13.40 8.68
CA VAL A 132 -16.81 -12.41 9.31
C VAL A 132 -16.03 -11.16 9.72
N LEU A 133 -14.84 -11.34 10.35
CA LEU A 133 -14.02 -10.19 10.71
C LEU A 133 -13.50 -9.45 9.47
N SER A 134 -13.10 -10.18 8.43
CA SER A 134 -12.62 -9.56 7.19
C SER A 134 -13.69 -8.63 6.61
N PHE A 135 -14.99 -9.03 6.62
CA PHE A 135 -16.07 -8.17 6.14
C PHE A 135 -16.26 -6.96 7.05
N ALA A 136 -16.09 -7.15 8.39
CA ALA A 136 -16.24 -6.08 9.38
C ALA A 136 -15.13 -5.04 9.15
N ILE A 137 -13.94 -5.50 8.76
CA ILE A 137 -12.81 -4.64 8.42
C ILE A 137 -13.10 -3.86 7.14
N ILE A 138 -13.62 -4.54 6.10
CA ILE A 138 -13.97 -3.88 4.81
C ILE A 138 -15.02 -2.81 5.07
N MET A 139 -16.06 -3.14 5.86
CA MET A 139 -17.14 -2.19 6.22
C MET A 139 -16.57 -1.05 7.02
N LEU A 140 -15.63 -1.34 7.96
CA LEU A 140 -14.97 -0.30 8.77
C LEU A 140 -14.22 0.68 7.89
N ASN A 141 -13.49 0.16 6.87
CA ASN A 141 -12.75 0.99 5.91
C ASN A 141 -13.68 2.00 5.22
N THR A 142 -14.88 1.55 4.82
CA THR A 142 -15.89 2.42 4.19
C THR A 142 -16.41 3.43 5.23
N SER A 143 -16.82 2.97 6.42
CA SER A 143 -17.37 3.85 7.47
C SER A 143 -16.43 4.97 7.87
N LEU A 144 -15.16 4.65 8.08
CA LEU A 144 -14.19 5.64 8.47
C LEU A 144 -13.81 6.60 7.36
N HIS A 145 -13.65 6.11 6.14
CA HIS A 145 -13.09 6.94 5.08
C HIS A 145 -14.04 7.44 4.02
N ASN A 146 -15.27 6.94 3.98
CA ASN A 146 -16.26 7.42 3.02
C ASN A 146 -17.01 8.64 3.63
N PRO A 147 -16.91 9.84 3.02
CA PRO A 147 -17.61 11.03 3.56
C PRO A 147 -19.12 10.92 3.70
N ASN A 148 -19.79 10.01 2.96
CA ASN A 148 -21.25 9.91 3.12
C ASN A 148 -21.67 9.28 4.44
N VAL A 149 -20.74 8.59 5.11
CA VAL A 149 -20.98 7.97 6.42
C VAL A 149 -20.62 9.04 7.46
N LYS A 150 -21.63 9.58 8.13
CA LYS A 150 -21.44 10.64 9.13
C LYS A 150 -21.26 10.08 10.55
N ASP A 151 -21.92 8.96 10.83
CA ASP A 151 -21.82 8.33 12.14
C ASP A 151 -20.58 7.40 12.09
N LYS A 152 -19.41 7.94 12.44
CA LYS A 152 -18.15 7.19 12.40
C LYS A 152 -18.03 6.26 13.61
N PRO A 153 -17.93 4.92 13.43
CA PRO A 153 -17.75 4.03 14.61
C PRO A 153 -16.44 4.28 15.34
N THR A 154 -16.52 4.34 16.68
CA THR A 154 -15.32 4.47 17.52
C THR A 154 -14.72 3.06 17.64
N VAL A 155 -13.51 2.92 18.19
CA VAL A 155 -12.93 1.57 18.40
C VAL A 155 -13.83 0.69 19.36
N GLU A 156 -14.48 1.32 20.36
CA GLU A 156 -15.37 0.64 21.30
C GLU A 156 -16.56 0.07 20.56
N ARG A 157 -17.17 0.86 19.62
CA ARG A 157 -18.30 0.37 18.82
C ARG A 157 -17.87 -0.82 17.94
N PHE A 158 -16.69 -0.73 17.27
CA PHE A 158 -16.14 -1.85 16.44
C PHE A 158 -15.95 -3.11 17.32
N ILE A 159 -15.39 -2.96 18.54
CA ILE A 159 -15.22 -4.10 19.46
C ILE A 159 -16.58 -4.72 19.76
N ALA A 160 -17.55 -3.87 20.17
CA ALA A 160 -18.93 -4.31 20.54
C ALA A 160 -19.65 -5.00 19.38
N MET A 161 -19.50 -4.45 18.16
CA MET A 161 -20.10 -5.02 16.95
C MET A 161 -19.57 -6.39 16.63
N ASN A 162 -18.32 -6.72 17.03
CA ASN A 162 -17.71 -8.02 16.72
C ASN A 162 -17.79 -9.08 17.83
N ARG A 163 -18.52 -8.77 18.90
CA ARG A 163 -18.69 -9.70 20.01
C ARG A 163 -19.42 -10.99 19.57
N GLY A 164 -18.96 -12.12 20.10
CA GLY A 164 -19.54 -13.43 19.83
C GLY A 164 -19.12 -14.10 18.54
N ILE A 165 -18.23 -13.45 17.73
CA ILE A 165 -17.81 -14.06 16.45
C ILE A 165 -16.79 -15.20 16.52
N ASN A 166 -16.04 -15.32 17.65
CA ASN A 166 -14.99 -16.33 17.80
C ASN A 166 -15.51 -17.52 18.58
N ASP A 167 -16.13 -18.51 17.88
CA ASP A 167 -16.70 -19.73 18.50
C ASP A 167 -17.60 -19.34 19.69
N GLY A 168 -18.51 -18.42 19.44
CA GLY A 168 -19.44 -17.87 20.42
C GLY A 168 -18.88 -16.80 21.34
N GLY A 169 -17.56 -16.67 21.38
CA GLY A 169 -16.84 -15.71 22.21
C GLY A 169 -16.31 -14.46 21.53
N ASP A 170 -15.55 -13.67 22.29
CA ASP A 170 -15.01 -12.42 21.79
C ASP A 170 -13.54 -12.53 21.53
N LEU A 171 -13.08 -11.87 20.46
CA LEU A 171 -11.65 -11.86 20.13
C LEU A 171 -10.95 -10.93 21.12
N PRO A 172 -9.64 -11.09 21.36
CA PRO A 172 -8.94 -10.17 22.27
C PRO A 172 -9.03 -8.74 21.73
N GLU A 173 -9.30 -7.79 22.64
CA GLU A 173 -9.40 -6.38 22.29
C GLU A 173 -8.08 -5.85 21.74
N GLU A 174 -6.92 -6.39 22.19
CA GLU A 174 -5.64 -5.94 21.67
C GLU A 174 -5.64 -6.15 20.13
N LEU A 175 -6.11 -7.32 19.67
CA LEU A 175 -6.21 -7.65 18.24
C LEU A 175 -7.14 -6.66 17.52
N LEU A 176 -8.36 -6.50 18.04
CA LEU A 176 -9.37 -5.60 17.46
C LEU A 176 -8.96 -4.13 17.40
N ARG A 177 -8.35 -3.62 18.48
CA ARG A 177 -7.86 -2.23 18.53
C ARG A 177 -6.77 -2.02 17.49
N ASN A 178 -5.86 -3.00 17.35
CA ASN A 178 -4.75 -2.93 16.38
C ASN A 178 -5.28 -2.83 14.95
N LEU A 179 -6.27 -3.67 14.62
CA LEU A 179 -6.88 -3.70 13.28
C LEU A 179 -7.62 -2.40 12.98
N TYR A 180 -8.40 -1.89 13.97
CA TYR A 180 -9.14 -0.64 13.83
C TYR A 180 -8.16 0.53 13.55
N GLU A 181 -7.09 0.62 14.35
CA GLU A 181 -6.03 1.64 14.27
C GLU A 181 -5.41 1.61 12.87
N SER A 182 -5.11 0.41 12.34
CA SER A 182 -4.49 0.29 11.00
C SER A 182 -5.39 0.88 9.92
N ILE A 183 -6.69 0.56 9.97
CA ILE A 183 -7.68 1.06 9.01
C ILE A 183 -7.87 2.56 9.17
N LYS A 184 -7.98 3.03 10.42
CA LYS A 184 -8.13 4.46 10.70
C LYS A 184 -6.93 5.27 10.11
N ASN A 185 -5.71 4.78 10.30
CA ASN A 185 -4.49 5.46 9.84
C ASN A 185 -4.24 5.34 8.36
N GLU A 186 -4.81 4.31 7.70
CA GLU A 186 -4.55 4.09 6.27
C GLU A 186 -5.72 3.38 5.57
N PRO A 187 -6.52 4.14 4.77
CA PRO A 187 -7.62 3.51 4.03
C PRO A 187 -7.07 2.44 3.09
N PHE A 188 -7.86 1.39 2.79
CA PHE A 188 -7.31 0.37 1.87
C PHE A 188 -6.95 1.04 0.54
N LYS A 189 -5.79 0.67 -0.03
CA LYS A 189 -5.41 1.13 -1.36
C LYS A 189 -6.23 0.26 -2.31
N ILE A 190 -7.08 0.87 -3.14
CA ILE A 190 -7.91 0.13 -4.10
C ILE A 190 -7.32 0.33 -5.51
N PRO A 191 -6.92 -0.74 -6.22
CA PRO A 191 -6.31 -0.57 -7.55
C PRO A 191 -7.34 -0.49 -8.69
N GLU A 192 -6.87 -0.12 -9.88
CA GLU A 192 -7.69 -0.01 -11.10
C GLU A 192 -7.21 -1.06 -12.09
N ASN B 7 5.19 -21.31 8.47
CA ASN B 7 6.30 -20.36 8.45
C ASN B 7 7.34 -20.73 7.39
N LYS B 8 7.19 -20.15 6.20
CA LYS B 8 8.09 -20.34 5.05
C LYS B 8 9.39 -19.56 5.33
N GLN B 9 10.37 -19.63 4.39
CA GLN B 9 11.61 -18.88 4.50
C GLN B 9 11.30 -17.37 4.32
N VAL B 10 10.23 -17.05 3.55
CA VAL B 10 9.71 -15.70 3.30
C VAL B 10 9.39 -15.03 4.65
N ALA B 11 8.65 -15.73 5.54
CA ALA B 11 8.30 -15.23 6.86
C ALA B 11 9.57 -15.03 7.74
N MET B 12 10.57 -15.92 7.57
CA MET B 12 11.85 -15.84 8.27
C MET B 12 12.60 -14.59 7.79
N GLY B 13 12.55 -14.35 6.48
CA GLY B 13 13.16 -13.17 5.86
C GLY B 13 12.64 -11.88 6.46
N ARG B 14 11.30 -11.77 6.62
CA ARG B 14 10.61 -10.62 7.21
C ARG B 14 10.99 -10.36 8.65
N LYS B 15 11.04 -11.41 9.48
CA LYS B 15 11.40 -11.30 10.90
C LYS B 15 12.83 -10.75 11.04
N LYS B 16 13.78 -11.30 10.23
CA LYS B 16 15.20 -10.93 10.18
C LYS B 16 15.34 -9.47 9.73
N PHE B 17 14.70 -9.12 8.60
CA PHE B 17 14.67 -7.76 8.05
C PHE B 17 14.21 -6.76 9.12
N ASN B 18 13.13 -7.09 9.83
CA ASN B 18 12.58 -6.23 10.88
C ASN B 18 13.54 -5.99 12.06
N MET B 19 14.53 -6.88 12.26
CA MET B 19 15.56 -6.75 13.31
C MET B 19 16.77 -6.01 12.72
N ASP B 20 17.29 -6.51 11.58
CA ASP B 20 18.42 -5.99 10.84
C ASP B 20 18.06 -6.00 9.33
N PRO B 21 17.75 -4.83 8.71
CA PRO B 21 17.38 -4.81 7.27
C PRO B 21 18.38 -5.43 6.30
N LYS B 22 19.69 -5.14 6.48
CA LYS B 22 20.79 -5.68 5.66
C LYS B 22 20.77 -7.22 5.64
N LYS B 23 20.75 -7.84 6.85
CA LYS B 23 20.73 -9.29 7.09
C LYS B 23 19.52 -9.97 6.47
N GLY B 24 18.32 -9.42 6.72
CA GLY B 24 17.07 -9.94 6.17
C GLY B 24 17.08 -10.00 4.65
N ILE B 25 17.59 -8.93 4.01
CA ILE B 25 17.70 -8.82 2.56
C ILE B 25 18.75 -9.82 2.02
N GLN B 26 19.91 -9.92 2.70
CA GLN B 26 21.01 -10.86 2.39
C GLN B 26 20.46 -12.31 2.39
N PHE B 27 19.66 -12.65 3.42
CA PHE B 27 18.97 -13.93 3.60
C PHE B 27 18.11 -14.29 2.38
N LEU B 28 17.15 -13.40 2.01
CA LEU B 28 16.22 -13.61 0.90
C LEU B 28 16.91 -13.77 -0.46
N ILE B 29 18.08 -13.13 -0.66
CA ILE B 29 18.87 -13.25 -1.90
C ILE B 29 19.57 -14.63 -1.91
N GLU B 30 20.25 -14.99 -0.79
CA GLU B 30 20.96 -16.27 -0.57
C GLU B 30 20.06 -17.48 -0.84
N ASN B 31 18.78 -17.41 -0.41
CA ASN B 31 17.81 -18.49 -0.58
C ASN B 31 16.95 -18.39 -1.85
N ASP B 32 17.42 -17.60 -2.85
CA ASP B 32 16.77 -17.37 -4.15
C ASP B 32 15.31 -16.82 -4.11
N LEU B 33 14.90 -16.28 -2.95
CA LEU B 33 13.55 -15.73 -2.75
C LEU B 33 13.42 -14.29 -3.29
N LEU B 34 14.55 -13.64 -3.55
CA LEU B 34 14.62 -12.26 -4.04
C LEU B 34 15.87 -12.10 -4.90
N LYS B 35 15.76 -11.33 -5.99
CA LYS B 35 16.91 -11.01 -6.86
C LYS B 35 17.65 -9.78 -6.27
N ASN B 36 18.98 -9.72 -6.44
CA ASN B 36 19.85 -8.64 -5.92
C ASN B 36 19.81 -7.37 -6.81
N THR B 37 18.64 -7.07 -7.31
CA THR B 37 18.34 -5.97 -8.21
C THR B 37 17.72 -4.84 -7.34
N CYS B 38 18.03 -3.55 -7.67
CA CYS B 38 17.43 -2.44 -6.93
C CYS B 38 15.90 -2.38 -7.18
N GLU B 39 15.44 -2.82 -8.37
CA GLU B 39 14.03 -2.87 -8.76
C GLU B 39 13.28 -3.93 -7.95
N ASP B 40 13.87 -5.13 -7.83
CA ASP B 40 13.30 -6.24 -7.10
C ASP B 40 13.25 -6.01 -5.62
N ILE B 41 14.30 -5.40 -5.03
CA ILE B 41 14.34 -5.10 -3.59
C ILE B 41 13.33 -4.00 -3.28
N ALA B 42 13.26 -2.96 -4.13
CA ALA B 42 12.31 -1.86 -3.94
C ALA B 42 10.88 -2.40 -3.99
N GLN B 43 10.56 -3.32 -4.94
CA GLN B 43 9.22 -3.93 -5.06
C GLN B 43 8.89 -4.74 -3.78
N PHE B 44 9.87 -5.47 -3.25
CA PHE B 44 9.73 -6.25 -2.00
C PHE B 44 9.38 -5.32 -0.83
N LEU B 45 10.09 -4.18 -0.71
CA LEU B 45 9.85 -3.19 0.35
C LEU B 45 8.51 -2.48 0.20
N TYR B 46 8.14 -2.17 -1.06
CA TYR B 46 6.90 -1.47 -1.35
C TYR B 46 5.67 -2.36 -1.08
N LYS B 47 5.73 -3.64 -1.45
CA LYS B 47 4.60 -4.56 -1.29
C LYS B 47 4.46 -5.18 0.10
N GLY B 48 5.57 -5.32 0.83
CA GLY B 48 5.63 -5.97 2.13
C GLY B 48 4.91 -5.31 3.29
N GLU B 49 3.66 -5.73 3.56
CA GLU B 49 2.88 -5.18 4.67
C GLU B 49 3.34 -5.73 6.01
N GLY B 50 4.13 -6.79 5.98
CA GLY B 50 4.68 -7.38 7.20
C GLY B 50 6.03 -6.78 7.57
N LEU B 51 6.55 -5.90 6.72
CA LEU B 51 7.85 -5.25 6.93
C LEU B 51 7.74 -4.04 7.83
N ASN B 52 8.59 -3.99 8.87
CA ASN B 52 8.59 -2.86 9.82
C ASN B 52 9.01 -1.59 9.04
N LYS B 53 8.23 -0.51 9.16
CA LYS B 53 8.47 0.75 8.43
C LYS B 53 9.68 1.52 8.90
N THR B 54 10.06 1.36 10.20
CA THR B 54 11.29 1.97 10.72
C THR B 54 12.46 1.27 10.04
N ALA B 55 12.38 -0.08 9.87
CA ALA B 55 13.44 -0.86 9.18
C ALA B 55 13.51 -0.57 7.67
N ILE B 56 12.37 -0.28 7.01
CA ILE B 56 12.41 0.10 5.59
C ILE B 56 13.12 1.47 5.49
N GLY B 57 12.71 2.42 6.35
CA GLY B 57 13.26 3.76 6.42
C GLY B 57 14.76 3.75 6.61
N ASP B 58 15.25 2.88 7.53
CA ASP B 58 16.67 2.67 7.84
C ASP B 58 17.46 2.18 6.64
N TYR B 59 16.92 1.17 5.94
CA TYR B 59 17.51 0.62 4.74
C TYR B 59 17.53 1.62 3.59
N LEU B 60 16.40 2.31 3.36
CA LEU B 60 16.32 3.31 2.29
C LEU B 60 17.19 4.54 2.54
N GLY B 61 17.48 4.82 3.82
CA GLY B 61 18.27 5.95 4.31
C GLY B 61 19.78 5.83 4.29
N GLU B 62 20.34 4.61 4.10
CA GLU B 62 21.79 4.37 4.05
C GLU B 62 22.40 5.09 2.88
N ARG B 63 23.64 5.59 3.07
CA ARG B 63 24.33 6.33 2.03
C ARG B 63 25.05 5.44 1.00
N ASP B 64 25.07 4.11 1.22
CA ASP B 64 25.65 3.15 0.29
C ASP B 64 24.93 3.31 -1.04
N GLU B 65 25.71 3.40 -2.14
CA GLU B 65 25.20 3.63 -3.49
C GLU B 65 24.07 2.71 -3.89
N PHE B 66 24.12 1.43 -3.43
CA PHE B 66 23.09 0.45 -3.73
C PHE B 66 21.77 0.82 -3.07
N ASN B 67 21.80 1.14 -1.77
CA ASN B 67 20.61 1.55 -1.01
C ASN B 67 19.99 2.78 -1.68
N ILE B 68 20.83 3.73 -2.14
CA ILE B 68 20.33 4.94 -2.83
C ILE B 68 19.57 4.52 -4.10
N GLN B 69 20.12 3.58 -4.89
CA GLN B 69 19.45 3.06 -6.09
C GLN B 69 18.10 2.41 -5.75
N VAL B 70 18.03 1.66 -4.62
CA VAL B 70 16.73 1.07 -4.21
C VAL B 70 15.77 2.17 -3.74
N LEU B 71 16.31 3.20 -3.05
CA LEU B 71 15.48 4.36 -2.65
C LEU B 71 14.82 4.96 -3.90
N HIS B 72 15.59 5.19 -4.98
CA HIS B 72 15.02 5.77 -6.20
C HIS B 72 13.97 4.86 -6.84
N ALA B 73 14.24 3.54 -6.89
CA ALA B 73 13.30 2.56 -7.42
C ALA B 73 12.03 2.46 -6.58
N PHE B 74 12.16 2.59 -5.23
CA PHE B 74 11.03 2.53 -4.30
C PHE B 74 10.12 3.75 -4.51
N VAL B 75 10.71 4.95 -4.58
CA VAL B 75 9.99 6.20 -4.84
C VAL B 75 9.23 6.13 -6.19
N GLU B 76 9.87 5.53 -7.23
CA GLU B 76 9.25 5.37 -8.55
C GLU B 76 7.98 4.47 -8.55
N LEU B 77 7.81 3.61 -7.52
CA LEU B 77 6.64 2.75 -7.36
C LEU B 77 5.44 3.49 -6.82
N HIS B 78 5.68 4.67 -6.26
CA HIS B 78 4.61 5.49 -5.71
C HIS B 78 3.86 6.20 -6.82
N GLU B 79 2.55 6.15 -6.74
CA GLU B 79 1.72 6.86 -7.68
C GLU B 79 1.23 8.17 -7.04
N PHE B 80 1.76 9.29 -7.51
CA PHE B 80 1.37 10.63 -7.03
C PHE B 80 0.46 11.43 -7.97
N THR B 81 0.14 10.91 -9.16
CA THR B 81 -0.72 11.66 -10.12
C THR B 81 -2.03 12.14 -9.51
N ASP B 82 -2.37 13.40 -9.78
CA ASP B 82 -3.64 14.00 -9.34
C ASP B 82 -3.78 14.18 -7.84
N LEU B 83 -2.66 14.04 -7.10
CA LEU B 83 -2.61 14.32 -5.67
C LEU B 83 -1.97 15.68 -5.48
N ASN B 84 -2.47 16.49 -4.51
CA ASN B 84 -1.80 17.77 -4.24
C ASN B 84 -0.51 17.43 -3.42
N LEU B 85 0.40 18.39 -3.18
CA LEU B 85 1.66 18.06 -2.48
C LEU B 85 1.50 17.40 -1.10
N VAL B 86 0.49 17.86 -0.32
CA VAL B 86 0.23 17.30 1.02
C VAL B 86 -0.27 15.87 0.95
N GLN B 87 -1.24 15.57 0.06
CA GLN B 87 -1.78 14.21 -0.10
C GLN B 87 -0.66 13.24 -0.47
N ALA B 88 0.22 13.64 -1.40
CA ALA B 88 1.33 12.81 -1.88
C ALA B 88 2.35 12.61 -0.77
N LEU B 89 2.62 13.66 0.03
CA LEU B 89 3.52 13.59 1.18
C LEU B 89 2.97 12.64 2.26
N ARG B 90 1.66 12.71 2.54
CA ARG B 90 1.03 11.81 3.54
C ARG B 90 1.25 10.37 3.12
N GLN B 91 1.05 10.08 1.82
CA GLN B 91 1.23 8.73 1.27
C GLN B 91 2.72 8.34 1.36
N PHE B 92 3.62 9.24 0.97
CA PHE B 92 5.05 8.99 1.02
C PHE B 92 5.55 8.75 2.45
N LEU B 93 5.18 9.66 3.38
CA LEU B 93 5.57 9.62 4.80
C LEU B 93 4.98 8.45 5.56
N TRP B 94 3.90 7.84 5.00
CA TRP B 94 3.30 6.67 5.59
C TRP B 94 3.92 5.38 5.12
N SER B 95 4.46 5.34 3.88
CA SER B 95 5.04 4.11 3.30
C SER B 95 6.31 3.58 4.00
N PHE B 96 6.98 4.42 4.79
CA PHE B 96 8.16 4.08 5.59
C PHE B 96 8.35 5.18 6.62
N ARG B 97 9.02 4.90 7.75
CA ARG B 97 9.27 5.95 8.74
C ARG B 97 10.60 6.61 8.33
N LEU B 98 10.57 7.92 8.00
CA LEU B 98 11.79 8.67 7.64
C LEU B 98 12.78 8.53 8.80
N PRO B 99 14.09 8.28 8.55
CA PRO B 99 15.06 8.27 9.67
C PRO B 99 15.16 9.66 10.27
N GLY B 100 15.69 9.77 11.48
CA GLY B 100 15.80 11.08 12.12
C GLY B 100 16.86 12.01 11.57
N GLU B 101 17.86 11.47 10.85
CA GLU B 101 18.99 12.24 10.29
C GLU B 101 18.58 13.22 9.21
N ALA B 102 18.89 14.53 9.41
CA ALA B 102 18.56 15.61 8.46
C ALA B 102 19.12 15.30 7.08
N GLN B 103 20.34 14.74 7.01
CA GLN B 103 20.96 14.41 5.72
C GLN B 103 20.24 13.33 4.97
N LYS B 104 19.65 12.36 5.70
CA LYS B 104 18.92 11.25 5.09
C LYS B 104 17.53 11.72 4.62
N ILE B 105 16.88 12.57 5.42
CA ILE B 105 15.57 13.12 5.10
C ILE B 105 15.74 13.94 3.83
N ASP B 106 16.84 14.74 3.70
CA ASP B 106 17.03 15.56 2.50
C ASP B 106 17.20 14.74 1.24
N ARG B 107 18.03 13.69 1.29
CA ARG B 107 18.22 12.78 0.14
C ARG B 107 16.85 12.11 -0.26
N MET B 108 16.09 11.65 0.73
CA MET B 108 14.78 11.00 0.50
C MET B 108 13.75 11.99 -0.09
N MET B 109 13.76 13.22 0.42
CA MET B 109 12.90 14.29 -0.06
C MET B 109 13.19 14.71 -1.48
N GLU B 110 14.48 14.66 -1.88
CA GLU B 110 14.90 14.99 -3.25
C GLU B 110 14.32 13.95 -4.20
N ALA B 111 14.36 12.67 -3.77
CA ALA B 111 13.78 11.57 -4.52
C ALA B 111 12.27 11.75 -4.63
N PHE B 112 11.60 12.12 -3.52
CA PHE B 112 10.16 12.36 -3.51
C PHE B 112 9.79 13.51 -4.49
N ALA B 113 10.52 14.64 -4.45
CA ALA B 113 10.26 15.83 -5.28
C ALA B 113 10.35 15.54 -6.77
N GLN B 114 11.36 14.71 -7.19
CA GLN B 114 11.54 14.30 -8.58
C GLN B 114 10.28 13.53 -9.08
N ARG B 115 9.83 12.53 -8.29
CA ARG B 115 8.65 11.71 -8.56
C ARG B 115 7.36 12.52 -8.50
N TYR B 116 7.18 13.38 -7.48
CA TYR B 116 5.96 14.20 -7.41
C TYR B 116 5.81 15.02 -8.72
N CYS B 117 6.88 15.69 -9.16
CA CYS B 117 6.88 16.53 -10.36
C CYS B 117 6.66 15.75 -11.63
N GLN B 118 7.20 14.52 -11.71
CA GLN B 118 7.01 13.61 -12.84
C GLN B 118 5.52 13.23 -12.96
N CYS B 119 4.86 12.96 -11.81
CA CYS B 119 3.44 12.58 -11.76
C CYS B 119 2.51 13.79 -11.99
N ASN B 120 3.01 15.00 -11.69
CA ASN B 120 2.24 16.25 -11.75
C ASN B 120 3.01 17.36 -12.43
N ASN B 121 3.36 17.19 -13.70
CA ASN B 121 4.10 18.21 -14.44
C ASN B 121 3.16 19.40 -14.69
N GLY B 122 3.64 20.59 -14.40
CA GLY B 122 2.82 21.79 -14.53
C GLY B 122 2.49 22.43 -13.21
N VAL B 123 2.59 21.68 -12.08
CA VAL B 123 2.29 22.24 -10.74
C VAL B 123 3.45 23.16 -10.31
N PHE B 124 4.70 22.69 -10.50
CA PHE B 124 5.90 23.45 -10.10
C PHE B 124 6.80 23.65 -11.28
N GLN B 125 7.45 24.82 -11.34
CA GLN B 125 8.37 25.15 -12.42
C GLN B 125 9.65 24.32 -12.35
N SER B 126 10.03 23.91 -11.13
CA SER B 126 11.24 23.19 -10.84
C SER B 126 10.99 22.14 -9.74
N THR B 127 11.79 21.07 -9.73
CA THR B 127 11.73 20.05 -8.69
C THR B 127 12.21 20.69 -7.40
N ASP B 128 13.15 21.67 -7.49
CA ASP B 128 13.64 22.40 -6.32
C ASP B 128 12.51 23.17 -5.65
N THR B 129 11.56 23.75 -6.42
CA THR B 129 10.39 24.43 -5.84
C THR B 129 9.57 23.43 -5.00
N CYS B 130 9.29 22.24 -5.58
CA CYS B 130 8.59 21.15 -4.91
C CYS B 130 9.31 20.73 -3.63
N TYR B 131 10.64 20.58 -3.71
CA TYR B 131 11.51 20.19 -2.59
C TYR B 131 11.42 21.22 -1.45
N VAL B 132 11.63 22.51 -1.77
CA VAL B 132 11.59 23.64 -0.82
C VAL B 132 10.21 23.70 -0.16
N LEU B 133 9.15 23.64 -0.96
CA LEU B 133 7.77 23.68 -0.42
C LEU B 133 7.44 22.48 0.43
N SER B 134 7.98 21.31 0.05
CA SER B 134 7.83 20.08 0.82
C SER B 134 8.38 20.27 2.24
N PHE B 135 9.55 20.93 2.36
CA PHE B 135 10.13 21.26 3.68
C PHE B 135 9.33 22.29 4.45
N ALA B 136 8.77 23.30 3.74
CA ALA B 136 7.91 24.31 4.36
C ALA B 136 6.65 23.64 4.95
N ILE B 137 6.12 22.61 4.26
CA ILE B 137 4.97 21.82 4.74
C ILE B 137 5.37 20.97 5.96
N ILE B 138 6.52 20.25 5.88
CA ILE B 138 6.98 19.44 7.03
C ILE B 138 7.14 20.36 8.27
N MET B 139 7.80 21.53 8.10
CA MET B 139 7.99 22.49 9.18
C MET B 139 6.64 23.02 9.68
N LEU B 140 5.72 23.33 8.75
CA LEU B 140 4.38 23.81 9.12
C LEU B 140 3.67 22.81 10.00
N ASN B 141 3.79 21.51 9.67
CA ASN B 141 3.14 20.45 10.43
C ASN B 141 3.64 20.42 11.88
N THR B 142 4.96 20.58 12.07
CA THR B 142 5.60 20.62 13.39
C THR B 142 5.13 21.89 14.11
N SER B 143 5.17 23.06 13.42
CA SER B 143 4.76 24.35 13.98
C SER B 143 3.35 24.35 14.52
N LEU B 144 2.39 23.85 13.71
CA LEU B 144 0.97 23.88 14.08
C LEU B 144 0.57 22.84 15.10
N HIS B 145 1.26 21.71 15.14
CA HIS B 145 0.85 20.61 15.99
C HIS B 145 1.69 20.27 17.21
N ASN B 146 2.93 20.79 17.28
CA ASN B 146 3.77 20.57 18.44
C ASN B 146 3.44 21.70 19.46
N PRO B 147 2.89 21.35 20.66
CA PRO B 147 2.50 22.39 21.65
C PRO B 147 3.62 23.32 22.11
N ASN B 148 4.87 22.81 22.11
CA ASN B 148 6.08 23.53 22.49
C ASN B 148 6.34 24.74 21.58
N VAL B 149 6.11 24.57 20.26
CA VAL B 149 6.30 25.62 19.26
C VAL B 149 5.26 26.73 19.48
N LYS B 150 5.74 27.92 19.88
CA LYS B 150 4.88 29.09 20.13
C LYS B 150 4.59 29.87 18.86
N ASP B 151 5.51 29.82 17.88
CA ASP B 151 5.32 30.51 16.61
C ASP B 151 4.51 29.59 15.70
N LYS B 152 3.18 29.80 15.66
CA LYS B 152 2.25 29.03 14.83
C LYS B 152 1.89 29.91 13.62
N PRO B 153 2.59 29.75 12.48
CA PRO B 153 2.31 30.64 11.35
C PRO B 153 0.89 30.57 10.85
N THR B 154 0.28 31.75 10.63
CA THR B 154 -1.07 31.87 10.05
C THR B 154 -0.93 31.51 8.56
N VAL B 155 -2.04 31.35 7.84
CA VAL B 155 -1.98 31.07 6.39
C VAL B 155 -1.33 32.24 5.62
N GLU B 156 -1.56 33.49 6.08
CA GLU B 156 -0.97 34.69 5.46
C GLU B 156 0.55 34.67 5.60
N ARG B 157 1.07 34.27 6.76
CA ARG B 157 2.52 34.19 6.93
C ARG B 157 3.12 33.05 6.13
N PHE B 158 2.40 31.91 6.03
CA PHE B 158 2.81 30.75 5.24
C PHE B 158 2.91 31.16 3.77
N ILE B 159 1.94 31.95 3.27
CA ILE B 159 1.99 32.48 1.90
C ILE B 159 3.21 33.38 1.76
N ALA B 160 3.38 34.34 2.71
CA ALA B 160 4.50 35.30 2.67
C ALA B 160 5.87 34.62 2.71
N MET B 161 6.03 33.60 3.56
CA MET B 161 7.29 32.86 3.69
C MET B 161 7.68 32.09 2.43
N ASN B 162 6.69 31.83 1.55
CA ASN B 162 6.89 31.09 0.30
C ASN B 162 6.99 31.93 -0.98
N ARG B 163 7.00 33.26 -0.83
CA ARG B 163 7.14 34.20 -1.93
C ARG B 163 8.45 33.94 -2.71
N GLY B 164 8.36 33.93 -4.04
CA GLY B 164 9.51 33.76 -4.91
C GLY B 164 10.07 32.36 -5.07
N ILE B 165 9.42 31.33 -4.50
CA ILE B 165 9.96 29.96 -4.58
C ILE B 165 9.79 29.26 -5.92
N ASN B 166 8.83 29.73 -6.72
CA ASN B 166 8.55 29.15 -8.03
C ASN B 166 9.40 29.84 -9.11
N ASP B 167 10.74 29.62 -9.07
CA ASP B 167 11.71 30.24 -10.01
C ASP B 167 11.56 31.78 -9.97
N GLY B 168 11.61 32.32 -8.76
CA GLY B 168 11.46 33.75 -8.50
C GLY B 168 10.02 34.22 -8.42
N GLY B 169 9.11 33.37 -8.89
CA GLY B 169 7.67 33.66 -8.95
C GLY B 169 6.90 33.11 -7.77
N ASP B 170 5.66 33.58 -7.60
CA ASP B 170 4.80 33.15 -6.52
C ASP B 170 3.86 32.05 -6.96
N LEU B 171 3.70 31.03 -6.11
CA LEU B 171 2.77 29.94 -6.39
C LEU B 171 1.35 30.46 -6.22
N PRO B 172 0.34 29.90 -6.94
CA PRO B 172 -1.04 30.40 -6.73
C PRO B 172 -1.44 30.30 -5.26
N GLU B 173 -2.13 31.35 -4.74
CA GLU B 173 -2.52 31.35 -3.33
C GLU B 173 -3.51 30.25 -2.99
N GLU B 174 -4.38 29.85 -3.95
CA GLU B 174 -5.31 28.75 -3.68
C GLU B 174 -4.58 27.45 -3.31
N LEU B 175 -3.51 27.13 -4.05
CA LEU B 175 -2.71 25.93 -3.77
C LEU B 175 -2.13 26.02 -2.37
N LEU B 176 -1.47 27.15 -2.04
CA LEU B 176 -0.90 27.35 -0.71
C LEU B 176 -1.95 27.31 0.41
N ARG B 177 -3.17 27.85 0.17
CA ARG B 177 -4.22 27.79 1.20
C ARG B 177 -4.71 26.37 1.41
N ASN B 178 -4.88 25.59 0.32
CA ASN B 178 -5.33 24.20 0.41
C ASN B 178 -4.31 23.33 1.14
N LEU B 179 -3.00 23.54 0.87
CA LEU B 179 -1.95 22.77 1.54
C LEU B 179 -1.93 23.13 3.02
N TYR B 180 -1.97 24.45 3.35
CA TYR B 180 -2.01 24.95 4.72
C TYR B 180 -3.19 24.34 5.47
N GLU B 181 -4.39 24.48 4.90
CA GLU B 181 -5.62 23.99 5.51
C GLU B 181 -5.60 22.49 5.76
N SER B 182 -4.97 21.73 4.85
CA SER B 182 -4.89 20.28 5.00
C SER B 182 -4.09 19.93 6.25
N ILE B 183 -2.93 20.56 6.42
CA ILE B 183 -2.04 20.33 7.56
C ILE B 183 -2.68 20.83 8.86
N LYS B 184 -3.31 22.03 8.78
CA LYS B 184 -4.00 22.67 9.90
C LYS B 184 -5.02 21.70 10.50
N ASN B 185 -5.89 21.13 9.65
CA ASN B 185 -6.93 20.17 10.05
C ASN B 185 -6.44 18.74 10.33
N GLU B 186 -5.40 18.27 9.66
CA GLU B 186 -4.98 16.89 9.87
C GLU B 186 -3.46 16.78 9.95
N PRO B 187 -2.86 16.53 11.17
CA PRO B 187 -1.40 16.36 11.25
C PRO B 187 -0.95 15.16 10.44
N PHE B 188 0.32 15.15 10.00
CA PHE B 188 0.90 14.03 9.29
C PHE B 188 0.91 12.84 10.23
N LYS B 189 0.36 11.70 9.77
CA LYS B 189 0.43 10.49 10.57
C LYS B 189 1.79 9.91 10.23
N ILE B 190 2.57 9.57 11.25
CA ILE B 190 3.91 9.04 11.07
C ILE B 190 3.91 7.58 11.53
N PRO B 191 4.39 6.62 10.68
CA PRO B 191 4.35 5.20 11.09
C PRO B 191 5.49 4.80 12.00
N GLU B 192 5.37 3.63 12.64
CA GLU B 192 6.37 3.04 13.52
C GLU B 192 7.01 1.82 12.89
C1 GOL C . -21.41 -12.73 4.91
O1 GOL C . -21.86 -12.48 6.24
C2 GOL C . -20.52 -11.65 4.46
O2 GOL C . -20.59 -11.62 3.07
C3 GOL C . -21.07 -10.36 4.95
O3 GOL C . -20.60 -9.25 4.20
C1 GOL D . 15.03 23.72 2.88
O1 GOL D . 16.03 24.49 2.16
C2 GOL D . 15.86 22.65 3.57
O2 GOL D . 15.20 21.79 4.47
C3 GOL D . 16.48 21.87 2.48
O3 GOL D . 16.89 20.77 3.17
#